data_6K4V
#
_entry.id   6K4V
#
_entity_poly.entity_id   1
_entity_poly.type   'polypeptide(L)'
_entity_poly.pdbx_seq_one_letter_code
;RVQGRWKVRASFFKGGGGSGFAWNVCVYRNGVRVCHRRAN
;
_entity_poly.pdbx_strand_id   A
#
# COMPACT_ATOMS: atom_id res chain seq x y z
N ARG A 1 15.40 -27.61 8.26
CA ARG A 1 16.16 -26.38 8.59
C ARG A 1 16.66 -25.73 7.31
N VAL A 2 16.59 -24.41 7.27
CA VAL A 2 17.08 -23.66 6.13
C VAL A 2 18.59 -23.50 6.23
N GLN A 3 19.31 -23.98 5.24
CA GLN A 3 20.77 -23.90 5.22
C GLN A 3 21.19 -22.45 5.01
N GLY A 4 20.38 -21.71 4.28
CA GLY A 4 20.61 -20.30 4.10
C GLY A 4 19.94 -19.48 5.19
N ARG A 5 20.23 -19.84 6.43
CA ARG A 5 19.63 -19.19 7.60
C ARG A 5 19.96 -17.70 7.60
N TRP A 6 21.21 -17.38 7.30
CA TRP A 6 21.68 -16.01 7.34
C TRP A 6 21.29 -15.26 6.08
N LYS A 7 20.75 -16.00 5.12
CA LYS A 7 20.28 -15.43 3.86
C LYS A 7 18.88 -14.87 4.01
N VAL A 8 17.95 -15.71 4.47
CA VAL A 8 16.57 -15.31 4.69
C VAL A 8 15.87 -14.98 3.37
N ARG A 9 15.04 -15.90 2.90
CA ARG A 9 14.29 -15.71 1.65
C ARG A 9 13.36 -14.50 1.76
N ALA A 10 12.90 -14.23 2.98
CA ALA A 10 11.98 -13.13 3.22
C ALA A 10 12.64 -11.78 3.00
N SER A 11 13.95 -11.77 2.82
CA SER A 11 14.67 -10.51 2.61
C SER A 11 14.89 -10.26 1.14
N PHE A 12 14.60 -11.26 0.32
CA PHE A 12 14.77 -11.16 -1.12
C PHE A 12 13.55 -10.47 -1.73
N PHE A 13 12.39 -11.11 -1.58
CA PHE A 13 11.12 -10.57 -2.07
C PHE A 13 11.19 -10.39 -3.59
N LYS A 14 10.76 -11.41 -4.32
CA LYS A 14 10.84 -11.39 -5.78
C LYS A 14 9.72 -10.54 -6.37
N GLY A 15 8.85 -10.05 -5.50
CA GLY A 15 7.75 -9.22 -5.93
C GLY A 15 6.46 -9.61 -5.26
N GLY A 16 5.42 -8.82 -5.48
CA GLY A 16 4.13 -9.13 -4.91
C GLY A 16 3.31 -10.02 -5.82
N GLY A 17 3.39 -9.76 -7.11
CA GLY A 17 2.65 -10.54 -8.08
C GLY A 17 1.62 -9.73 -8.81
N GLY A 18 0.58 -10.40 -9.28
CA GLY A 18 -0.47 -9.71 -10.02
C GLY A 18 -1.38 -8.93 -9.09
N SER A 19 -1.63 -9.48 -7.91
CA SER A 19 -2.48 -8.84 -6.93
C SER A 19 -1.72 -7.73 -6.20
N GLY A 20 -2.40 -6.61 -5.96
CA GLY A 20 -1.78 -5.50 -5.27
C GLY A 20 -2.75 -4.82 -4.34
N PHE A 21 -3.15 -5.52 -3.30
CA PHE A 21 -4.10 -4.98 -2.34
C PHE A 21 -3.39 -4.66 -1.03
N ALA A 22 -4.00 -3.79 -0.23
CA ALA A 22 -3.47 -3.41 1.07
C ALA A 22 -2.08 -2.79 0.96
N TRP A 23 -1.99 -1.70 0.24
CA TRP A 23 -0.75 -0.94 0.16
C TRP A 23 -0.48 -0.29 1.50
N ASN A 24 -1.50 0.36 2.03
CA ASN A 24 -1.42 0.97 3.34
C ASN A 24 -2.30 0.21 4.32
N VAL A 25 -1.78 -0.01 5.52
CA VAL A 25 -2.55 -0.65 6.56
C VAL A 25 -2.78 0.35 7.70
N CYS A 26 -4.02 0.77 7.86
CA CYS A 26 -4.36 1.76 8.86
C CYS A 26 -4.74 1.11 10.18
N VAL A 27 -3.86 1.26 11.16
CA VAL A 27 -4.10 0.75 12.48
C VAL A 27 -4.32 1.91 13.44
N TYR A 28 -4.83 1.63 14.63
CA TYR A 28 -5.08 2.67 15.60
C TYR A 28 -4.19 2.49 16.82
N ARG A 29 -3.26 3.42 16.98
CA ARG A 29 -2.35 3.39 18.10
C ARG A 29 -2.80 4.41 19.16
N ASN A 30 -3.64 3.93 20.08
CA ASN A 30 -4.15 4.77 21.18
C ASN A 30 -4.96 5.95 20.65
N GLY A 31 -5.81 5.67 19.67
CA GLY A 31 -6.67 6.70 19.13
C GLY A 31 -6.06 7.38 17.91
N VAL A 32 -4.80 7.08 17.64
CA VAL A 32 -4.13 7.67 16.49
C VAL A 32 -4.10 6.70 15.33
N ARG A 33 -4.75 7.09 14.24
CA ARG A 33 -4.76 6.30 13.03
C ARG A 33 -3.40 6.37 12.34
N VAL A 34 -2.70 5.25 12.30
CA VAL A 34 -1.41 5.17 11.66
C VAL A 34 -1.47 4.21 10.48
N CYS A 35 -1.37 4.75 9.28
CA CYS A 35 -1.41 3.93 8.08
C CYS A 35 0.00 3.68 7.58
N HIS A 36 0.49 2.47 7.82
CA HIS A 36 1.85 2.12 7.41
C HIS A 36 1.84 1.41 6.07
N ARG A 37 2.72 1.85 5.18
CA ARG A 37 2.92 1.22 3.89
C ARG A 37 4.25 0.49 3.87
N ARG A 38 4.20 -0.82 3.96
CA ARG A 38 5.42 -1.61 3.92
C ARG A 38 5.67 -2.13 2.51
N ALA A 39 6.72 -1.62 1.89
CA ALA A 39 7.08 -2.00 0.53
C ALA A 39 8.59 -2.06 0.38
N ASN A 40 9.05 -2.98 -0.45
CA ASN A 40 10.48 -3.15 -0.69
C ASN A 40 10.78 -2.92 -2.16
N ARG A 1 -18.90 13.38 13.60
CA ARG A 1 -19.16 12.90 12.23
C ARG A 1 -19.57 11.44 12.25
N VAL A 2 -20.87 11.18 12.27
CA VAL A 2 -21.37 9.82 12.32
C VAL A 2 -21.12 9.10 10.99
N GLN A 3 -21.25 9.82 9.89
CA GLN A 3 -21.00 9.26 8.58
C GLN A 3 -20.16 10.21 7.74
N GLY A 4 -19.19 9.65 7.04
CA GLY A 4 -18.32 10.47 6.21
C GLY A 4 -17.02 10.81 6.90
N ARG A 5 -15.93 10.79 6.14
CA ARG A 5 -14.67 11.32 6.63
C ARG A 5 -14.86 12.81 6.87
N TRP A 6 -15.27 13.49 5.81
CA TRP A 6 -15.64 14.89 5.84
C TRP A 6 -15.87 15.38 4.41
N LYS A 7 -14.82 15.30 3.62
CA LYS A 7 -14.89 15.63 2.20
C LYS A 7 -15.61 14.49 1.47
N VAL A 8 -14.93 13.37 1.36
CA VAL A 8 -15.52 12.15 0.82
C VAL A 8 -15.12 10.99 1.72
N ARG A 9 -16.03 10.04 1.90
CA ARG A 9 -15.77 8.87 2.75
C ARG A 9 -14.66 8.01 2.13
N ALA A 10 -14.39 8.24 0.86
CA ALA A 10 -13.36 7.53 0.13
C ALA A 10 -12.25 8.48 -0.32
N SER A 11 -12.05 9.56 0.43
CA SER A 11 -10.96 10.50 0.12
C SER A 11 -9.59 9.85 0.27
N PHE A 12 -9.54 8.69 0.90
CA PHE A 12 -8.29 7.94 1.02
C PHE A 12 -8.13 7.00 -0.18
N PHE A 13 -9.18 6.93 -0.98
CA PHE A 13 -9.23 6.03 -2.13
C PHE A 13 -9.72 6.78 -3.36
N LYS A 14 -9.12 7.94 -3.62
CA LYS A 14 -9.54 8.82 -4.71
C LYS A 14 -9.05 8.31 -6.05
N GLY A 15 -8.29 7.23 -6.02
CA GLY A 15 -7.77 6.65 -7.24
C GLY A 15 -8.37 5.28 -7.52
N GLY A 16 -8.77 5.06 -8.77
CA GLY A 16 -9.36 3.80 -9.13
C GLY A 16 -8.57 3.08 -10.20
N GLY A 17 -7.27 3.31 -10.22
CA GLY A 17 -6.41 2.69 -11.20
C GLY A 17 -5.04 3.32 -11.26
N GLY A 18 -4.13 2.83 -10.43
CA GLY A 18 -2.79 3.38 -10.40
C GLY A 18 -2.60 4.33 -9.23
N SER A 19 -3.43 5.37 -9.20
CA SER A 19 -3.40 6.32 -8.11
C SER A 19 -4.32 5.84 -6.99
N GLY A 20 -4.13 6.36 -5.79
CA GLY A 20 -4.94 5.94 -4.67
C GLY A 20 -4.28 4.79 -3.93
N PHE A 21 -3.18 5.09 -3.25
CA PHE A 21 -2.43 4.07 -2.55
C PHE A 21 -3.23 3.55 -1.36
N ALA A 22 -3.71 2.33 -1.46
CA ALA A 22 -4.54 1.73 -0.42
C ALA A 22 -3.92 0.44 0.07
N TRP A 23 -2.66 0.24 -0.27
CA TRP A 23 -1.91 -0.92 0.16
C TRP A 23 -1.41 -0.72 1.58
N ASN A 24 -1.39 0.54 2.00
CA ASN A 24 -0.98 0.89 3.35
C ASN A 24 -1.90 0.26 4.38
N VAL A 25 -1.34 -0.13 5.50
CA VAL A 25 -2.12 -0.74 6.57
C VAL A 25 -2.35 0.28 7.68
N CYS A 26 -3.60 0.67 7.85
CA CYS A 26 -3.96 1.66 8.85
C CYS A 26 -4.33 1.01 10.16
N VAL A 27 -3.49 1.21 11.17
CA VAL A 27 -3.74 0.70 12.51
C VAL A 27 -4.07 1.85 13.43
N TYR A 28 -4.75 1.55 14.53
CA TYR A 28 -5.11 2.58 15.48
C TYR A 28 -4.32 2.40 16.77
N ARG A 29 -3.41 3.34 17.00
CA ARG A 29 -2.61 3.32 18.20
C ARG A 29 -3.01 4.46 19.13
N ASN A 30 -3.71 4.12 20.21
CA ASN A 30 -4.19 5.09 21.19
C ASN A 30 -5.19 6.06 20.54
N GLY A 31 -6.01 5.52 19.65
CA GLY A 31 -7.00 6.33 18.97
C GLY A 31 -6.42 7.10 17.81
N VAL A 32 -5.12 6.93 17.57
CA VAL A 32 -4.42 7.62 16.50
C VAL A 32 -4.27 6.71 15.29
N ARG A 33 -4.65 7.20 14.12
CA ARG A 33 -4.57 6.42 12.90
C ARG A 33 -3.17 6.46 12.32
N VAL A 34 -2.49 5.33 12.31
CA VAL A 34 -1.18 5.21 11.70
C VAL A 34 -1.22 4.27 10.50
N CYS A 35 -1.09 4.83 9.32
CA CYS A 35 -1.11 4.02 8.11
C CYS A 35 0.30 3.79 7.61
N HIS A 36 0.83 2.62 7.90
CA HIS A 36 2.19 2.28 7.49
C HIS A 36 2.17 1.60 6.12
N ARG A 37 2.98 2.14 5.21
CA ARG A 37 3.10 1.59 3.87
C ARG A 37 4.18 0.51 3.87
N ARG A 38 3.75 -0.74 3.94
CA ARG A 38 4.68 -1.86 4.06
C ARG A 38 5.35 -2.17 2.73
N ALA A 39 6.67 -2.28 2.76
CA ALA A 39 7.45 -2.59 1.57
C ALA A 39 8.47 -3.69 1.86
N ASN A 40 8.38 -4.26 3.04
CA ASN A 40 9.28 -5.33 3.44
C ASN A 40 8.56 -6.67 3.32
N ARG A 1 6.34 -21.95 -23.57
CA ARG A 1 5.64 -21.00 -24.45
C ARG A 1 4.70 -20.11 -23.64
N VAL A 2 3.82 -20.72 -22.87
CA VAL A 2 2.83 -19.98 -22.08
C VAL A 2 3.35 -19.77 -20.65
N GLN A 3 4.64 -19.49 -20.54
CA GLN A 3 5.26 -19.27 -19.24
C GLN A 3 5.97 -17.93 -19.21
N GLY A 4 5.21 -16.88 -18.92
CA GLY A 4 5.77 -15.55 -18.93
C GLY A 4 5.88 -14.94 -17.55
N ARG A 5 5.78 -15.77 -16.51
CA ARG A 5 5.86 -15.28 -15.14
C ARG A 5 7.23 -14.67 -14.84
N TRP A 6 8.24 -15.13 -15.58
CA TRP A 6 9.60 -14.62 -15.41
C TRP A 6 9.89 -13.56 -16.45
N LYS A 7 9.02 -13.46 -17.44
CA LYS A 7 9.16 -12.47 -18.50
C LYS A 7 8.57 -11.14 -18.07
N VAL A 8 7.44 -11.19 -17.38
CA VAL A 8 6.70 -9.99 -16.93
C VAL A 8 6.64 -8.94 -18.06
N ARG A 9 6.24 -9.41 -19.23
CA ARG A 9 6.09 -8.54 -20.39
C ARG A 9 4.61 -8.26 -20.63
N ALA A 10 3.76 -9.05 -19.98
CA ALA A 10 2.32 -8.87 -20.07
C ALA A 10 1.86 -7.67 -19.26
N SER A 11 2.81 -6.86 -18.83
CA SER A 11 2.53 -5.67 -18.07
C SER A 11 2.27 -4.48 -19.00
N PHE A 12 2.28 -4.74 -20.30
CA PHE A 12 2.05 -3.70 -21.30
C PHE A 12 0.60 -3.22 -21.26
N PHE A 13 -0.27 -4.05 -20.72
CA PHE A 13 -1.65 -3.65 -20.50
C PHE A 13 -1.95 -3.58 -19.01
N LYS A 14 -2.09 -2.35 -18.53
CA LYS A 14 -2.33 -2.12 -17.10
C LYS A 14 -3.78 -2.41 -16.75
N GLY A 15 -4.60 -2.61 -17.77
CA GLY A 15 -5.99 -2.93 -17.57
C GLY A 15 -6.18 -4.38 -17.16
N GLY A 16 -5.11 -5.16 -17.24
CA GLY A 16 -5.19 -6.56 -16.87
C GLY A 16 -5.33 -6.74 -15.37
N GLY A 17 -4.79 -5.79 -14.61
CA GLY A 17 -4.90 -5.84 -13.17
C GLY A 17 -6.27 -5.42 -12.70
N GLY A 18 -6.55 -4.13 -12.80
CA GLY A 18 -7.87 -3.62 -12.44
C GLY A 18 -8.01 -3.36 -10.96
N SER A 19 -7.62 -4.33 -10.14
CA SER A 19 -7.74 -4.20 -8.70
C SER A 19 -6.54 -3.48 -8.10
N GLY A 20 -6.77 -2.26 -7.63
CA GLY A 20 -5.73 -1.51 -6.97
C GLY A 20 -5.67 -1.85 -5.50
N PHE A 21 -4.86 -2.87 -5.18
CA PHE A 21 -4.74 -3.38 -3.81
C PHE A 21 -4.37 -2.26 -2.84
N ALA A 22 -4.99 -2.30 -1.65
CA ALA A 22 -4.73 -1.32 -0.62
C ALA A 22 -3.62 -1.79 0.31
N TRP A 23 -2.38 -1.47 -0.06
CA TRP A 23 -1.22 -1.91 0.70
C TRP A 23 -1.02 -1.04 1.93
N ASN A 24 -1.57 0.17 1.88
CA ASN A 24 -1.51 1.08 3.02
C ASN A 24 -2.45 0.64 4.14
N VAL A 25 -1.89 0.00 5.15
CA VAL A 25 -2.68 -0.45 6.27
C VAL A 25 -2.68 0.57 7.39
N CYS A 26 -3.85 0.84 7.93
CA CYS A 26 -4.00 1.83 8.98
C CYS A 26 -4.45 1.18 10.29
N VAL A 27 -3.65 1.35 11.32
CA VAL A 27 -4.00 0.84 12.64
C VAL A 27 -4.29 2.00 13.59
N TYR A 28 -5.12 1.75 14.58
CA TYR A 28 -5.46 2.77 15.54
C TYR A 28 -4.70 2.56 16.85
N ARG A 29 -3.59 3.25 16.98
CA ARG A 29 -2.75 3.12 18.16
C ARG A 29 -3.14 4.16 19.19
N ASN A 30 -3.97 3.74 20.15
CA ASN A 30 -4.43 4.59 21.24
C ASN A 30 -5.08 5.87 20.71
N GLY A 31 -6.05 5.70 19.82
CA GLY A 31 -6.81 6.83 19.32
C GLY A 31 -6.15 7.52 18.14
N VAL A 32 -4.99 7.02 17.73
CA VAL A 32 -4.25 7.63 16.63
C VAL A 32 -4.16 6.68 15.46
N ARG A 33 -4.70 7.11 14.32
CA ARG A 33 -4.64 6.32 13.10
C ARG A 33 -3.26 6.44 12.46
N VAL A 34 -2.53 5.35 12.47
CA VAL A 34 -1.19 5.30 11.89
C VAL A 34 -1.18 4.38 10.68
N CYS A 35 -0.98 4.96 9.50
CA CYS A 35 -0.92 4.18 8.28
C CYS A 35 0.53 4.04 7.82
N HIS A 36 0.96 2.81 7.63
CA HIS A 36 2.30 2.55 7.11
C HIS A 36 2.21 1.79 5.81
N ARG A 37 3.22 1.91 4.96
CA ARG A 37 3.19 1.29 3.66
C ARG A 37 4.45 0.46 3.42
N ARG A 38 4.33 -0.85 3.59
CA ARG A 38 5.43 -1.76 3.34
C ARG A 38 5.65 -1.93 1.85
N ALA A 39 6.83 -1.54 1.38
CA ALA A 39 7.18 -1.70 -0.02
C ALA A 39 8.66 -1.98 -0.16
N ASN A 40 9.02 -2.75 -1.18
CA ASN A 40 10.42 -3.09 -1.40
C ASN A 40 11.15 -1.94 -2.07
N ARG A 1 24.38 10.32 6.74
CA ARG A 1 25.60 9.50 6.89
C ARG A 1 26.73 10.10 6.05
N VAL A 2 26.65 9.91 4.74
CA VAL A 2 27.63 10.50 3.83
C VAL A 2 26.92 11.33 2.77
N GLN A 3 26.13 10.67 1.94
CA GLN A 3 25.39 11.35 0.88
C GLN A 3 23.91 11.10 1.02
N GLY A 4 23.49 9.86 0.78
CA GLY A 4 22.09 9.50 0.91
C GLY A 4 21.19 10.28 -0.03
N ARG A 5 21.12 9.85 -1.28
CA ARG A 5 20.29 10.54 -2.28
C ARG A 5 18.84 10.09 -2.21
N TRP A 6 18.56 9.10 -1.37
CA TRP A 6 17.21 8.61 -1.18
C TRP A 6 16.89 8.51 0.30
N LYS A 7 15.62 8.71 0.64
CA LYS A 7 15.18 8.67 2.02
C LYS A 7 14.32 7.43 2.25
N VAL A 8 13.28 7.29 1.44
CA VAL A 8 12.39 6.14 1.52
C VAL A 8 12.07 5.64 0.12
N ARG A 9 11.62 4.39 0.05
CA ARG A 9 11.28 3.78 -1.22
C ARG A 9 9.79 3.90 -1.51
N ALA A 10 9.14 4.80 -0.76
CA ALA A 10 7.71 5.03 -0.92
C ALA A 10 7.43 6.47 -1.31
N SER A 11 8.39 7.10 -1.97
CA SER A 11 8.27 8.51 -2.35
C SER A 11 7.42 8.66 -3.62
N PHE A 12 6.81 7.57 -4.06
CA PHE A 12 5.94 7.59 -5.22
C PHE A 12 4.71 8.46 -4.93
N PHE A 13 4.04 8.18 -3.82
CA PHE A 13 2.85 8.93 -3.45
C PHE A 13 2.78 9.10 -1.94
N LYS A 14 2.05 10.11 -1.49
CA LYS A 14 1.87 10.36 -0.07
C LYS A 14 0.50 9.86 0.37
N GLY A 15 -0.34 9.55 -0.59
CA GLY A 15 -1.67 9.06 -0.30
C GLY A 15 -2.68 9.45 -1.35
N GLY A 16 -2.33 10.45 -2.16
CA GLY A 16 -3.22 10.92 -3.20
C GLY A 16 -2.67 10.62 -4.58
N GLY A 17 -1.93 9.54 -4.70
CA GLY A 17 -1.31 9.19 -5.96
C GLY A 17 -2.26 8.46 -6.89
N GLY A 18 -3.48 8.22 -6.42
CA GLY A 18 -4.46 7.52 -7.22
C GLY A 18 -4.24 6.03 -7.22
N SER A 19 -3.72 5.54 -6.11
CA SER A 19 -3.41 4.12 -5.96
C SER A 19 -4.68 3.29 -5.98
N GLY A 20 -4.81 2.44 -6.99
CA GLY A 20 -5.97 1.58 -7.12
C GLY A 20 -6.01 0.50 -6.06
N PHE A 21 -4.84 0.01 -5.68
CA PHE A 21 -4.74 -1.00 -4.64
C PHE A 21 -4.36 -0.36 -3.31
N ALA A 22 -5.16 -0.61 -2.29
CA ALA A 22 -4.92 -0.04 -0.97
C ALA A 22 -4.02 -0.95 -0.14
N TRP A 23 -2.72 -0.79 -0.31
CA TRP A 23 -1.77 -1.60 0.44
C TRP A 23 -1.35 -0.89 1.73
N ASN A 24 -1.80 0.35 1.88
CA ASN A 24 -1.58 1.11 3.11
C ASN A 24 -2.46 0.58 4.22
N VAL A 25 -1.85 0.02 5.25
CA VAL A 25 -2.59 -0.54 6.36
C VAL A 25 -2.70 0.45 7.51
N CYS A 26 -3.89 1.02 7.68
CA CYS A 26 -4.12 2.02 8.70
C CYS A 26 -4.75 1.39 9.93
N VAL A 27 -3.99 1.35 11.02
CA VAL A 27 -4.49 0.84 12.29
C VAL A 27 -4.49 1.94 13.33
N TYR A 28 -5.36 1.83 14.31
CA TYR A 28 -5.46 2.85 15.35
C TYR A 28 -4.56 2.51 16.52
N ARG A 29 -3.49 3.29 16.64
CA ARG A 29 -2.54 3.12 17.72
C ARG A 29 -2.67 4.27 18.71
N ASN A 30 -3.19 3.96 19.89
CA ASN A 30 -3.43 4.96 20.94
C ASN A 30 -4.48 5.96 20.46
N GLY A 31 -5.44 5.46 19.70
CA GLY A 31 -6.51 6.30 19.18
C GLY A 31 -6.10 7.09 17.94
N VAL A 32 -4.86 6.89 17.49
CA VAL A 32 -4.35 7.59 16.33
C VAL A 32 -4.26 6.64 15.14
N ARG A 33 -4.85 7.05 14.02
CA ARG A 33 -4.80 6.25 12.81
C ARG A 33 -3.41 6.29 12.20
N VAL A 34 -2.67 5.22 12.37
CA VAL A 34 -1.32 5.11 11.84
C VAL A 34 -1.29 4.19 10.64
N CYS A 35 -1.08 4.75 9.46
CA CYS A 35 -0.99 3.97 8.24
C CYS A 35 0.45 3.56 7.99
N HIS A 36 0.75 2.30 8.28
CA HIS A 36 2.09 1.80 8.04
C HIS A 36 2.19 1.26 6.63
N ARG A 37 2.92 1.99 5.81
CA ARG A 37 3.16 1.59 4.44
C ARG A 37 4.54 0.94 4.33
N ARG A 38 4.52 -0.37 4.17
CA ARG A 38 5.74 -1.15 4.09
C ARG A 38 6.38 -0.99 2.72
N ALA A 39 7.54 -0.36 2.68
CA ALA A 39 8.26 -0.15 1.44
C ALA A 39 9.73 -0.50 1.59
N ASN A 40 10.11 -0.96 2.77
CA ASN A 40 11.50 -1.29 3.05
C ASN A 40 11.59 -2.23 4.25
N ARG A 1 -18.03 1.30 -35.51
CA ARG A 1 -18.95 0.24 -36.01
C ARG A 1 -19.80 -0.29 -34.86
N VAL A 2 -20.91 0.38 -34.58
CA VAL A 2 -21.83 -0.05 -33.54
C VAL A 2 -22.72 -1.17 -34.04
N GLN A 3 -22.37 -2.39 -33.69
CA GLN A 3 -23.13 -3.56 -34.11
C GLN A 3 -23.73 -4.28 -32.91
N GLY A 4 -24.79 -3.69 -32.37
CA GLY A 4 -25.46 -4.27 -31.23
C GLY A 4 -26.62 -3.41 -30.78
N ARG A 5 -27.36 -3.91 -29.80
CA ARG A 5 -28.51 -3.18 -29.27
C ARG A 5 -28.07 -1.97 -28.44
N TRP A 6 -26.79 -1.94 -28.08
CA TRP A 6 -26.26 -0.86 -27.28
C TRP A 6 -25.30 0.00 -28.09
N LYS A 7 -25.54 1.31 -28.05
CA LYS A 7 -24.67 2.26 -28.74
C LYS A 7 -23.90 3.10 -27.73
N VAL A 8 -24.28 2.99 -26.46
CA VAL A 8 -23.68 3.78 -25.40
C VAL A 8 -22.17 3.62 -25.34
N ARG A 9 -21.47 4.73 -25.42
CA ARG A 9 -20.02 4.74 -25.33
C ARG A 9 -19.56 4.43 -23.91
N ALA A 10 -20.49 4.57 -22.96
CA ALA A 10 -20.22 4.26 -21.57
C ALA A 10 -20.01 2.77 -21.36
N SER A 11 -20.30 1.99 -22.38
CA SER A 11 -20.08 0.55 -22.33
C SER A 11 -18.59 0.26 -22.38
N PHE A 12 -17.84 1.25 -22.87
CA PHE A 12 -16.39 1.14 -22.94
C PHE A 12 -15.76 1.89 -21.77
N PHE A 13 -16.57 2.15 -20.75
CA PHE A 13 -16.12 2.89 -19.58
C PHE A 13 -16.54 2.16 -18.30
N LYS A 14 -15.56 1.63 -17.60
CA LYS A 14 -15.81 0.97 -16.32
C LYS A 14 -15.23 1.82 -15.19
N GLY A 15 -14.75 3.00 -15.54
CA GLY A 15 -14.18 3.89 -14.56
C GLY A 15 -12.66 3.88 -14.63
N GLY A 16 -12.02 3.58 -13.51
CA GLY A 16 -10.58 3.52 -13.49
C GLY A 16 -10.07 2.12 -13.75
N GLY A 17 -10.80 1.13 -13.25
CA GLY A 17 -10.41 -0.25 -13.42
C GLY A 17 -10.86 -1.12 -12.27
N GLY A 18 -10.89 -0.52 -11.08
CA GLY A 18 -11.34 -1.25 -9.91
C GLY A 18 -10.23 -1.39 -8.89
N SER A 19 -9.54 -0.30 -8.63
CA SER A 19 -8.43 -0.33 -7.68
C SER A 19 -8.90 0.10 -6.30
N GLY A 20 -8.95 -0.86 -5.38
CA GLY A 20 -9.33 -0.57 -4.02
C GLY A 20 -8.65 -1.51 -3.05
N PHE A 21 -7.49 -2.01 -3.44
CA PHE A 21 -6.75 -2.97 -2.63
C PHE A 21 -6.17 -2.28 -1.40
N ALA A 22 -5.99 -3.03 -0.33
CA ALA A 22 -5.50 -2.49 0.92
C ALA A 22 -3.98 -2.54 0.99
N TRP A 23 -3.33 -1.65 0.26
CA TRP A 23 -1.87 -1.55 0.28
C TRP A 23 -1.43 -0.83 1.53
N ASN A 24 -2.32 -0.02 2.06
CA ASN A 24 -2.08 0.75 3.27
C ASN A 24 -2.90 0.17 4.42
N VAL A 25 -2.24 -0.56 5.30
CA VAL A 25 -2.91 -1.11 6.46
C VAL A 25 -2.86 -0.08 7.59
N CYS A 26 -3.96 0.63 7.76
CA CYS A 26 -4.03 1.69 8.75
C CYS A 26 -4.81 1.22 9.97
N VAL A 27 -4.24 1.45 11.13
CA VAL A 27 -4.84 1.01 12.38
C VAL A 27 -4.77 2.10 13.44
N TYR A 28 -5.74 2.12 14.32
CA TYR A 28 -5.76 3.10 15.40
C TYR A 28 -4.86 2.64 16.55
N ARG A 29 -3.69 3.24 16.63
CA ARG A 29 -2.77 2.98 17.73
C ARG A 29 -2.84 4.09 18.75
N ASN A 30 -3.43 3.79 19.91
CA ASN A 30 -3.59 4.76 20.99
C ASN A 30 -4.39 5.98 20.53
N GLY A 31 -5.37 5.75 19.66
CA GLY A 31 -6.19 6.82 19.16
C GLY A 31 -5.64 7.46 17.89
N VAL A 32 -4.43 7.08 17.52
CA VAL A 32 -3.80 7.63 16.33
C VAL A 32 -3.94 6.66 15.16
N ARG A 33 -4.57 7.12 14.10
CA ARG A 33 -4.72 6.32 12.89
C ARG A 33 -3.38 6.21 12.18
N VAL A 34 -2.71 5.10 12.39
CA VAL A 34 -1.37 4.88 11.85
C VAL A 34 -1.43 4.01 10.60
N CYS A 35 -1.12 4.60 9.47
CA CYS A 35 -1.10 3.87 8.20
C CYS A 35 0.29 3.29 7.96
N HIS A 36 0.35 1.98 7.75
CA HIS A 36 1.62 1.31 7.54
C HIS A 36 2.13 1.51 6.13
N ARG A 37 3.31 2.10 6.03
CA ARG A 37 4.00 2.26 4.76
C ARG A 37 5.28 1.43 4.78
N ARG A 38 5.31 0.39 3.97
CA ARG A 38 6.46 -0.49 3.91
C ARG A 38 7.65 0.23 3.26
N ALA A 39 8.69 0.45 4.05
CA ALA A 39 9.89 1.11 3.54
C ALA A 39 10.81 0.09 2.86
N ASN A 40 10.33 -0.45 1.75
CA ASN A 40 11.07 -1.48 1.02
C ASN A 40 10.91 -1.26 -0.48
N ARG A 1 12.26 11.32 -10.38
CA ARG A 1 11.30 10.69 -9.43
C ARG A 1 11.40 9.17 -9.47
N VAL A 2 11.90 8.63 -10.58
CA VAL A 2 12.01 7.19 -10.72
C VAL A 2 13.22 6.68 -9.95
N GLN A 3 12.96 5.90 -8.91
CA GLN A 3 14.01 5.40 -8.04
C GLN A 3 14.56 4.09 -8.57
N GLY A 4 15.70 4.16 -9.23
CA GLY A 4 16.29 2.98 -9.82
C GLY A 4 15.85 2.78 -11.26
N ARG A 5 15.85 3.88 -12.02
CA ARG A 5 15.35 3.87 -13.40
C ARG A 5 16.20 2.96 -14.29
N TRP A 6 17.41 2.67 -13.83
CA TRP A 6 18.34 1.84 -14.56
C TRP A 6 18.34 0.41 -13.98
N LYS A 7 17.72 0.26 -12.82
CA LYS A 7 17.82 -0.99 -12.08
C LYS A 7 16.66 -1.94 -12.38
N VAL A 8 15.48 -1.63 -11.85
CA VAL A 8 14.33 -2.52 -11.98
C VAL A 8 13.02 -1.73 -12.09
N ARG A 9 12.97 -0.79 -13.02
CA ARG A 9 11.76 0.00 -13.21
C ARG A 9 11.22 -0.17 -14.62
N ALA A 10 12.06 -0.67 -15.52
CA ALA A 10 11.64 -0.94 -16.88
C ALA A 10 10.73 -2.17 -16.93
N SER A 11 10.52 -2.77 -15.76
CA SER A 11 9.71 -3.97 -15.64
C SER A 11 8.22 -3.66 -15.76
N PHE A 12 7.82 -2.48 -15.30
CA PHE A 12 6.41 -2.11 -15.35
C PHE A 12 6.06 -1.48 -16.70
N PHE A 13 7.06 -1.35 -17.56
CA PHE A 13 6.85 -0.78 -18.88
C PHE A 13 6.41 -1.88 -19.86
N LYS A 14 5.63 -2.82 -19.35
CA LYS A 14 5.16 -3.95 -20.15
C LYS A 14 3.66 -3.85 -20.40
N GLY A 15 3.07 -2.74 -20.00
CA GLY A 15 1.65 -2.56 -20.17
C GLY A 15 1.17 -1.20 -19.72
N GLY A 16 0.30 -1.18 -18.73
CA GLY A 16 -0.23 0.08 -18.24
C GLY A 16 0.80 0.86 -17.45
N GLY A 17 1.63 0.15 -16.72
CA GLY A 17 2.66 0.79 -15.94
C GLY A 17 2.81 0.18 -14.57
N GLY A 18 3.28 0.96 -13.62
CA GLY A 18 3.43 0.48 -12.27
C GLY A 18 2.11 0.46 -11.53
N SER A 19 1.61 -0.73 -11.26
CA SER A 19 0.36 -0.90 -10.52
C SER A 19 0.47 -0.26 -9.14
N GLY A 20 -0.33 0.76 -8.90
CA GLY A 20 -0.29 1.47 -7.63
C GLY A 20 -1.20 0.83 -6.61
N PHE A 21 -0.83 -0.34 -6.13
CA PHE A 21 -1.63 -1.06 -5.15
C PHE A 21 -1.46 -0.44 -3.77
N ALA A 22 -2.55 -0.42 -3.00
CA ALA A 22 -2.52 0.16 -1.67
C ALA A 22 -2.00 -0.84 -0.64
N TRP A 23 -0.68 -0.88 -0.47
CA TRP A 23 -0.04 -1.79 0.48
C TRP A 23 -0.02 -1.17 1.88
N ASN A 24 -0.85 -0.17 2.10
CA ASN A 24 -0.90 0.51 3.38
C ASN A 24 -2.01 -0.04 4.25
N VAL A 25 -1.72 -0.20 5.53
CA VAL A 25 -2.70 -0.66 6.49
C VAL A 25 -2.83 0.36 7.61
N CYS A 26 -4.01 0.95 7.75
CA CYS A 26 -4.25 1.96 8.75
C CYS A 26 -4.79 1.34 10.03
N VAL A 27 -4.07 1.54 11.12
CA VAL A 27 -4.49 1.04 12.41
C VAL A 27 -4.54 2.17 13.43
N TYR A 28 -5.47 2.06 14.36
CA TYR A 28 -5.61 3.05 15.41
C TYR A 28 -4.69 2.72 16.57
N ARG A 29 -3.53 3.33 16.57
CA ARG A 29 -2.55 3.13 17.62
C ARG A 29 -2.70 4.20 18.68
N ASN A 30 -3.14 3.80 19.86
CA ASN A 30 -3.35 4.72 20.97
C ASN A 30 -4.41 5.76 20.62
N GLY A 31 -5.34 5.36 19.76
CA GLY A 31 -6.42 6.25 19.37
C GLY A 31 -6.12 7.04 18.11
N VAL A 32 -4.86 6.98 17.66
CA VAL A 32 -4.45 7.73 16.49
C VAL A 32 -4.39 6.84 15.26
N ARG A 33 -4.98 7.32 14.17
CA ARG A 33 -4.93 6.60 12.91
C ARG A 33 -3.52 6.64 12.34
N VAL A 34 -2.78 5.57 12.54
CA VAL A 34 -1.43 5.45 12.01
C VAL A 34 -1.40 4.41 10.91
N CYS A 35 -1.03 4.82 9.71
CA CYS A 35 -1.02 3.91 8.60
C CYS A 35 0.41 3.52 8.24
N HIS A 36 0.67 2.24 8.26
CA HIS A 36 1.98 1.73 7.87
C HIS A 36 1.95 1.31 6.41
N ARG A 37 2.70 2.03 5.60
CA ARG A 37 2.69 1.83 4.16
C ARG A 37 3.84 0.92 3.75
N ARG A 38 3.51 -0.31 3.37
CA ARG A 38 4.53 -1.26 2.99
C ARG A 38 5.09 -0.93 1.61
N ALA A 39 6.33 -0.48 1.58
CA ALA A 39 7.01 -0.18 0.33
C ALA A 39 8.11 -1.21 0.07
N ASN A 40 8.01 -2.33 0.76
CA ASN A 40 8.98 -3.40 0.62
C ASN A 40 8.31 -4.63 0.03
N ARG A 1 24.26 -1.76 -17.64
CA ARG A 1 23.97 -0.63 -16.74
C ARG A 1 23.47 -1.15 -15.39
N VAL A 2 24.38 -1.24 -14.43
CA VAL A 2 24.05 -1.80 -13.13
C VAL A 2 23.61 -0.75 -12.11
N GLN A 3 22.47 -0.13 -12.37
CA GLN A 3 21.91 0.86 -11.46
C GLN A 3 21.15 0.17 -10.33
N GLY A 4 21.89 -0.41 -9.40
CA GLY A 4 21.28 -1.16 -8.31
C GLY A 4 21.10 -2.61 -8.67
N ARG A 5 22.17 -3.39 -8.59
CA ARG A 5 22.13 -4.80 -8.95
C ARG A 5 21.29 -5.60 -7.96
N TRP A 6 21.22 -5.12 -6.71
CA TRP A 6 20.46 -5.81 -5.68
C TRP A 6 19.01 -5.39 -5.73
N LYS A 7 18.74 -4.33 -6.49
CA LYS A 7 17.40 -3.80 -6.63
C LYS A 7 16.60 -4.60 -7.66
N VAL A 8 17.29 -5.47 -8.39
CA VAL A 8 16.66 -6.28 -9.42
C VAL A 8 15.86 -7.42 -8.79
N ARG A 9 14.84 -7.05 -8.03
CA ARG A 9 13.97 -8.01 -7.38
C ARG A 9 12.54 -7.84 -7.85
N ALA A 10 12.31 -6.80 -8.64
CA ALA A 10 10.98 -6.51 -9.14
C ALA A 10 10.73 -7.22 -10.47
N SER A 11 11.63 -8.15 -10.80
CA SER A 11 11.53 -8.94 -12.01
C SER A 11 10.34 -9.90 -11.93
N PHE A 12 9.86 -10.13 -10.72
CA PHE A 12 8.73 -11.02 -10.49
C PHE A 12 7.41 -10.28 -10.69
N PHE A 13 7.49 -9.01 -11.04
CA PHE A 13 6.30 -8.21 -11.31
C PHE A 13 6.14 -7.98 -12.80
N LYS A 14 5.81 -9.05 -13.51
CA LYS A 14 5.60 -9.00 -14.95
C LYS A 14 4.18 -8.52 -15.25
N GLY A 15 3.36 -8.58 -14.22
CA GLY A 15 1.98 -8.15 -14.34
C GLY A 15 1.28 -8.12 -13.00
N GLY A 16 0.87 -6.94 -12.57
CA GLY A 16 0.20 -6.82 -11.29
C GLY A 16 -1.23 -6.36 -11.45
N GLY A 17 -1.70 -6.32 -12.68
CA GLY A 17 -3.07 -5.89 -12.94
C GLY A 17 -3.25 -4.42 -12.69
N GLY A 18 -2.28 -3.63 -13.11
CA GLY A 18 -2.32 -2.20 -12.88
C GLY A 18 -1.55 -1.81 -11.64
N SER A 19 -2.21 -1.15 -10.71
CA SER A 19 -1.59 -0.77 -9.46
C SER A 19 -1.39 -1.99 -8.56
N GLY A 20 -0.14 -2.40 -8.40
CA GLY A 20 0.16 -3.55 -7.58
C GLY A 20 0.47 -3.17 -6.15
N PHE A 21 0.98 -1.96 -5.98
CA PHE A 21 1.28 -1.45 -4.65
C PHE A 21 0.31 -0.34 -4.30
N ALA A 22 -0.61 -0.63 -3.39
CA ALA A 22 -1.59 0.33 -2.93
C ALA A 22 -2.29 -0.20 -1.69
N TRP A 23 -1.50 -0.43 -0.65
CA TRP A 23 -2.02 -1.04 0.57
C TRP A 23 -1.54 -0.31 1.81
N ASN A 24 -2.16 0.82 2.08
CA ASN A 24 -1.92 1.56 3.32
C ASN A 24 -2.60 0.84 4.47
N VAL A 25 -1.79 0.23 5.33
CA VAL A 25 -2.33 -0.52 6.45
C VAL A 25 -2.51 0.40 7.64
N CYS A 26 -3.74 0.84 7.84
CA CYS A 26 -4.04 1.80 8.88
C CYS A 26 -4.59 1.11 10.12
N VAL A 27 -3.86 1.22 11.21
CA VAL A 27 -4.29 0.67 12.49
C VAL A 27 -4.50 1.79 13.48
N TYR A 28 -5.38 1.58 14.45
CA TYR A 28 -5.65 2.59 15.45
C TYR A 28 -4.76 2.39 16.68
N ARG A 29 -3.72 3.21 16.75
CA ARG A 29 -2.76 3.14 17.83
C ARG A 29 -2.85 4.38 18.70
N ASN A 30 -3.26 4.20 19.94
CA ASN A 30 -3.44 5.31 20.89
C ASN A 30 -4.50 6.28 20.40
N GLY A 31 -5.52 5.74 19.74
CA GLY A 31 -6.58 6.58 19.20
C GLY A 31 -6.14 7.36 17.98
N VAL A 32 -5.00 6.98 17.41
CA VAL A 32 -4.49 7.64 16.22
C VAL A 32 -4.41 6.63 15.07
N ARG A 33 -4.97 6.99 13.93
CA ARG A 33 -4.88 6.14 12.75
C ARG A 33 -3.47 6.16 12.19
N VAL A 34 -2.75 5.08 12.38
CA VAL A 34 -1.38 4.96 11.89
C VAL A 34 -1.33 4.06 10.67
N CYS A 35 -1.17 4.67 9.51
CA CYS A 35 -1.08 3.93 8.26
C CYS A 35 0.38 3.61 7.95
N HIS A 36 0.75 2.36 8.13
CA HIS A 36 2.12 1.93 7.86
C HIS A 36 2.20 1.24 6.51
N ARG A 37 3.28 1.51 5.79
CA ARG A 37 3.50 0.93 4.47
C ARG A 37 4.87 0.27 4.43
N ARG A 38 5.05 -0.66 3.51
CA ARG A 38 6.30 -1.38 3.37
C ARG A 38 7.28 -0.56 2.54
N ALA A 39 8.52 -0.45 3.04
CA ALA A 39 9.57 0.30 2.37
C ALA A 39 9.18 1.76 2.21
N ASN A 40 8.71 2.36 3.30
CA ASN A 40 8.24 3.74 3.28
C ASN A 40 9.26 4.63 3.98
N ARG A 1 2.81 -19.30 -1.62
CA ARG A 1 4.20 -18.85 -1.88
C ARG A 1 4.18 -17.61 -2.78
N VAL A 2 5.18 -16.75 -2.61
CA VAL A 2 5.29 -15.58 -3.46
C VAL A 2 6.33 -15.80 -4.54
N GLN A 3 5.95 -16.54 -5.57
CA GLN A 3 6.83 -16.77 -6.70
C GLN A 3 6.68 -15.63 -7.69
N GLY A 4 7.49 -14.60 -7.51
CA GLY A 4 7.38 -13.41 -8.32
C GLY A 4 6.62 -12.32 -7.58
N ARG A 5 7.33 -11.27 -7.22
CA ARG A 5 6.74 -10.14 -6.53
C ARG A 5 5.76 -9.41 -7.43
N TRP A 6 6.18 -9.14 -8.66
CA TRP A 6 5.33 -8.42 -9.60
C TRP A 6 4.54 -9.39 -10.47
N LYS A 7 3.28 -9.54 -10.12
CA LYS A 7 2.39 -10.46 -10.81
C LYS A 7 1.33 -9.69 -11.57
N VAL A 8 0.51 -8.94 -10.83
CA VAL A 8 -0.60 -8.20 -11.42
C VAL A 8 -0.13 -6.89 -12.07
N ARG A 9 0.92 -6.99 -12.88
CA ARG A 9 1.52 -5.83 -13.53
C ARG A 9 0.56 -5.22 -14.53
N ALA A 10 -0.21 -6.06 -15.21
CA ALA A 10 -1.18 -5.61 -16.19
C ALA A 10 -2.43 -5.07 -15.51
N SER A 11 -2.36 -4.93 -14.20
CA SER A 11 -3.45 -4.33 -13.44
C SER A 11 -3.01 -2.97 -12.92
N PHE A 12 -1.79 -2.58 -13.28
CA PHE A 12 -1.25 -1.29 -12.87
C PHE A 12 -1.12 -0.36 -14.08
N PHE A 13 -0.17 -0.67 -14.97
CA PHE A 13 0.14 0.19 -16.11
C PHE A 13 0.50 1.60 -15.64
N LYS A 14 1.33 1.67 -14.62
CA LYS A 14 1.72 2.95 -14.05
C LYS A 14 3.14 3.31 -14.45
N GLY A 15 3.71 2.52 -15.33
CA GLY A 15 5.07 2.76 -15.78
C GLY A 15 6.09 2.35 -14.74
N GLY A 16 6.71 3.32 -14.11
CA GLY A 16 7.68 3.04 -13.07
C GLY A 16 7.13 3.28 -11.69
N GLY A 17 5.86 3.61 -11.62
CA GLY A 17 5.22 3.86 -10.35
C GLY A 17 4.57 5.22 -10.29
N GLY A 18 5.19 6.14 -9.57
CA GLY A 18 4.62 7.47 -9.42
C GLY A 18 3.52 7.49 -8.39
N SER A 19 2.37 6.96 -8.78
CA SER A 19 1.25 6.81 -7.85
C SER A 19 1.54 5.72 -6.84
N GLY A 20 1.47 6.08 -5.57
CA GLY A 20 1.81 5.14 -4.51
C GLY A 20 0.74 4.10 -4.27
N PHE A 21 0.70 3.09 -5.12
CA PHE A 21 -0.18 1.96 -4.90
C PHE A 21 0.55 0.90 -4.10
N ALA A 22 0.16 0.75 -2.85
CA ALA A 22 0.80 -0.18 -1.95
C ALA A 22 -0.22 -0.72 -0.96
N TRP A 23 0.23 -1.60 -0.07
CA TRP A 23 -0.65 -2.20 0.91
C TRP A 23 -0.55 -1.42 2.21
N ASN A 24 -0.96 -0.17 2.11
CA ASN A 24 -0.93 0.74 3.24
C ASN A 24 -1.95 0.33 4.29
N VAL A 25 -1.45 0.01 5.47
CA VAL A 25 -2.33 -0.41 6.56
C VAL A 25 -2.39 0.66 7.63
N CYS A 26 -3.59 1.14 7.90
CA CYS A 26 -3.80 2.18 8.90
C CYS A 26 -4.42 1.58 10.16
N VAL A 27 -3.69 1.69 11.26
CA VAL A 27 -4.15 1.15 12.53
C VAL A 27 -4.32 2.28 13.54
N TYR A 28 -5.10 2.04 14.57
CA TYR A 28 -5.37 3.06 15.56
C TYR A 28 -4.63 2.77 16.85
N ARG A 29 -3.41 3.28 16.95
CA ARG A 29 -2.62 3.12 18.15
C ARG A 29 -2.96 4.22 19.14
N ASN A 30 -3.60 3.82 20.24
CA ASN A 30 -4.09 4.74 21.25
C ASN A 30 -5.14 5.67 20.65
N GLY A 31 -5.95 5.12 19.75
CA GLY A 31 -7.01 5.88 19.12
C GLY A 31 -6.51 6.80 18.02
N VAL A 32 -5.23 6.70 17.69
CA VAL A 32 -4.64 7.55 16.67
C VAL A 32 -4.34 6.75 15.42
N ARG A 33 -4.88 7.19 14.29
CA ARG A 33 -4.71 6.50 13.02
C ARG A 33 -3.29 6.69 12.48
N VAL A 34 -2.57 5.60 12.36
CA VAL A 34 -1.24 5.62 11.74
C VAL A 34 -1.20 4.65 10.56
N CYS A 35 -0.60 5.08 9.47
CA CYS A 35 -0.59 4.30 8.26
C CYS A 35 0.82 3.90 7.86
N HIS A 36 1.12 2.61 7.95
CA HIS A 36 2.40 2.10 7.48
C HIS A 36 2.25 1.58 6.05
N ARG A 37 3.11 2.04 5.17
CA ARG A 37 3.00 1.71 3.76
C ARG A 37 3.82 0.48 3.42
N ARG A 38 3.12 -0.63 3.18
CA ARG A 38 3.79 -1.84 2.75
C ARG A 38 3.95 -1.82 1.23
N ALA A 39 5.18 -1.61 0.79
CA ALA A 39 5.49 -1.61 -0.63
C ALA A 39 6.72 -2.47 -0.87
N ASN A 40 7.30 -2.95 0.22
CA ASN A 40 8.48 -3.79 0.18
C ASN A 40 8.66 -4.43 1.55
N ARG A 1 10.76 -8.02 12.11
CA ARG A 1 12.22 -8.18 12.00
C ARG A 1 12.72 -7.75 10.62
N VAL A 2 12.73 -6.45 10.38
CA VAL A 2 13.24 -5.91 9.13
C VAL A 2 13.91 -4.55 9.37
N GLN A 3 15.14 -4.62 9.85
CA GLN A 3 15.91 -3.42 10.17
C GLN A 3 16.60 -2.87 8.92
N GLY A 4 16.60 -1.56 8.78
CA GLY A 4 17.22 -0.93 7.62
C GLY A 4 16.31 -0.93 6.42
N ARG A 5 15.01 -0.92 6.66
CA ARG A 5 14.02 -0.95 5.58
C ARG A 5 13.85 0.46 5.01
N TRP A 6 14.30 1.44 5.77
CA TRP A 6 14.15 2.82 5.38
C TRP A 6 15.34 3.29 4.54
N LYS A 7 16.01 2.34 3.91
CA LYS A 7 17.09 2.64 2.99
C LYS A 7 16.53 3.30 1.73
N VAL A 8 15.24 3.10 1.52
CA VAL A 8 14.54 3.67 0.38
C VAL A 8 14.46 5.18 0.52
N ARG A 9 15.13 5.88 -0.38
CA ARG A 9 15.19 7.34 -0.35
C ARG A 9 13.85 7.93 -0.76
N ALA A 10 12.98 7.10 -1.34
CA ALA A 10 11.65 7.52 -1.73
C ALA A 10 10.75 7.74 -0.50
N SER A 11 11.31 7.53 0.68
CA SER A 11 10.59 7.76 1.92
C SER A 11 10.39 9.24 2.18
N PHE A 12 11.10 10.07 1.41
CA PHE A 12 10.98 11.51 1.47
C PHE A 12 9.62 11.93 0.89
N PHE A 13 9.12 11.13 -0.04
CA PHE A 13 7.85 11.40 -0.69
C PHE A 13 6.70 11.12 0.27
N LYS A 14 5.60 11.82 0.07
CA LYS A 14 4.42 11.67 0.91
C LYS A 14 3.56 10.51 0.41
N GLY A 15 4.06 9.80 -0.58
CA GLY A 15 3.36 8.66 -1.12
C GLY A 15 3.91 8.26 -2.47
N GLY A 16 3.24 7.33 -3.13
CA GLY A 16 3.65 6.90 -4.44
C GLY A 16 2.62 7.24 -5.49
N GLY A 17 1.89 8.33 -5.25
CA GLY A 17 0.84 8.74 -6.14
C GLY A 17 -0.52 8.31 -5.63
N GLY A 18 -1.07 7.27 -6.22
CA GLY A 18 -2.36 6.76 -5.79
C GLY A 18 -2.40 5.26 -5.76
N SER A 19 -1.23 4.64 -5.61
CA SER A 19 -1.13 3.19 -5.56
C SER A 19 -0.99 2.69 -4.13
N GLY A 20 -1.84 1.76 -3.74
CA GLY A 20 -1.73 1.14 -2.44
C GLY A 20 -0.72 0.02 -2.44
N PHE A 21 0.55 0.40 -2.53
CA PHE A 21 1.64 -0.55 -2.67
C PHE A 21 1.92 -1.28 -1.37
N ALA A 22 1.85 -2.61 -1.43
CA ALA A 22 2.17 -3.49 -0.31
C ALA A 22 1.26 -3.26 0.89
N TRP A 23 -0.04 -3.09 0.60
CA TRP A 23 -1.07 -2.92 1.61
C TRP A 23 -0.83 -1.70 2.50
N ASN A 24 -1.36 -0.56 2.10
CA ASN A 24 -1.31 0.61 2.95
C ASN A 24 -2.51 0.61 3.86
N VAL A 25 -2.31 0.15 5.07
CA VAL A 25 -3.38 0.01 6.03
C VAL A 25 -3.21 0.96 7.20
N CYS A 26 -4.32 1.37 7.77
CA CYS A 26 -4.33 2.34 8.85
C CYS A 26 -4.95 1.74 10.10
N VAL A 27 -4.14 1.58 11.14
CA VAL A 27 -4.61 1.04 12.39
C VAL A 27 -4.57 2.11 13.48
N TYR A 28 -5.56 2.09 14.35
CA TYR A 28 -5.65 3.05 15.43
C TYR A 28 -4.95 2.53 16.67
N ARG A 29 -3.74 3.01 16.89
CA ARG A 29 -2.99 2.68 18.10
C ARG A 29 -3.08 3.83 19.08
N ASN A 30 -3.74 3.58 20.21
CA ASN A 30 -3.96 4.61 21.23
C ASN A 30 -4.76 5.77 20.67
N GLY A 31 -5.66 5.46 19.74
CA GLY A 31 -6.49 6.49 19.13
C GLY A 31 -5.78 7.21 18.01
N VAL A 32 -4.59 6.76 17.66
CA VAL A 32 -3.80 7.37 16.59
C VAL A 32 -3.89 6.54 15.31
N ARG A 33 -4.36 7.17 14.25
CA ARG A 33 -4.47 6.52 12.94
C ARG A 33 -3.11 6.42 12.29
N VAL A 34 -2.47 5.27 12.41
CA VAL A 34 -1.15 5.07 11.83
C VAL A 34 -1.25 4.27 10.53
N CYS A 35 -1.07 4.96 9.42
CA CYS A 35 -1.04 4.29 8.12
C CYS A 35 0.39 3.92 7.76
N HIS A 36 0.72 2.65 7.90
CA HIS A 36 2.07 2.20 7.63
C HIS A 36 2.19 1.64 6.22
N ARG A 37 3.16 2.15 5.47
CA ARG A 37 3.38 1.74 4.10
C ARG A 37 4.69 0.98 3.96
N ARG A 38 4.68 -0.06 3.15
CA ARG A 38 5.87 -0.88 2.95
C ARG A 38 6.57 -0.51 1.66
N ALA A 39 7.73 0.11 1.79
CA ALA A 39 8.52 0.48 0.62
C ALA A 39 9.43 -0.69 0.23
N ASN A 40 8.81 -1.78 -0.21
CA ASN A 40 9.56 -2.98 -0.58
C ASN A 40 9.89 -2.95 -2.08
N ARG A 1 -22.39 -16.53 -15.59
CA ARG A 1 -21.83 -15.70 -16.67
C ARG A 1 -22.95 -15.25 -17.61
N VAL A 2 -22.58 -14.62 -18.73
CA VAL A 2 -23.55 -14.12 -19.69
C VAL A 2 -24.46 -13.08 -19.01
N GLN A 3 -23.85 -12.29 -18.15
CA GLN A 3 -24.52 -11.22 -17.42
C GLN A 3 -23.52 -10.54 -16.49
N GLY A 4 -22.96 -9.44 -16.95
CA GLY A 4 -22.02 -8.69 -16.13
C GLY A 4 -22.74 -7.82 -15.13
N ARG A 5 -22.96 -8.35 -13.94
CA ARG A 5 -23.60 -7.61 -12.87
C ARG A 5 -22.79 -6.37 -12.54
N TRP A 6 -21.49 -6.53 -12.45
CA TRP A 6 -20.60 -5.43 -12.16
C TRP A 6 -20.17 -4.77 -13.45
N LYS A 7 -20.02 -3.46 -13.43
CA LYS A 7 -19.63 -2.71 -14.61
C LYS A 7 -18.16 -2.29 -14.52
N VAL A 8 -17.66 -2.25 -13.30
CA VAL A 8 -16.26 -1.93 -13.06
C VAL A 8 -15.43 -3.21 -13.10
N ARG A 9 -14.50 -3.27 -14.04
CA ARG A 9 -13.70 -4.49 -14.26
C ARG A 9 -12.77 -4.75 -13.08
N ALA A 10 -12.61 -3.77 -12.21
CA ALA A 10 -11.83 -3.95 -10.99
C ALA A 10 -12.51 -4.94 -10.05
N SER A 11 -13.75 -5.29 -10.36
CA SER A 11 -14.49 -6.29 -9.59
C SER A 11 -14.06 -7.69 -10.03
N PHE A 12 -13.52 -7.76 -11.24
CA PHE A 12 -13.03 -9.00 -11.78
C PHE A 12 -11.58 -9.20 -11.39
N PHE A 13 -10.80 -8.13 -11.51
CA PHE A 13 -9.40 -8.18 -11.12
C PHE A 13 -9.26 -8.10 -9.61
N LYS A 14 -9.18 -9.27 -8.99
CA LYS A 14 -8.98 -9.35 -7.54
C LYS A 14 -7.58 -9.87 -7.24
N GLY A 15 -6.85 -10.19 -8.30
CA GLY A 15 -5.50 -10.69 -8.17
C GLY A 15 -5.46 -12.01 -7.41
N GLY A 16 -4.89 -11.99 -6.22
CA GLY A 16 -4.80 -13.19 -5.41
C GLY A 16 -5.76 -13.16 -4.24
N GLY A 17 -6.69 -12.22 -4.27
CA GLY A 17 -7.65 -12.10 -3.19
C GLY A 17 -7.20 -11.11 -2.15
N GLY A 18 -6.71 -11.62 -1.02
CA GLY A 18 -6.19 -10.75 0.02
C GLY A 18 -4.78 -10.29 -0.29
N SER A 19 -4.05 -11.11 -1.02
CA SER A 19 -2.68 -10.77 -1.41
C SER A 19 -2.70 -9.75 -2.54
N GLY A 20 -1.99 -8.65 -2.34
CA GLY A 20 -1.97 -7.58 -3.32
C GLY A 20 -2.98 -6.51 -3.02
N PHE A 21 -3.78 -6.73 -1.99
CA PHE A 21 -4.80 -5.77 -1.58
C PHE A 21 -4.36 -5.06 -0.30
N ALA A 22 -4.69 -3.77 -0.21
CA ALA A 22 -4.38 -2.96 0.97
C ALA A 22 -2.89 -2.96 1.27
N TRP A 23 -2.13 -2.23 0.45
CA TRP A 23 -0.69 -2.13 0.63
C TRP A 23 -0.36 -1.30 1.85
N ASN A 24 -1.15 -0.26 2.07
CA ASN A 24 -0.99 0.59 3.24
C ASN A 24 -2.08 0.26 4.26
N VAL A 25 -1.66 -0.23 5.41
CA VAL A 25 -2.60 -0.66 6.43
C VAL A 25 -2.71 0.39 7.53
N CYS A 26 -3.94 0.80 7.83
CA CYS A 26 -4.17 1.79 8.86
C CYS A 26 -4.82 1.16 10.08
N VAL A 27 -4.19 1.37 11.23
CA VAL A 27 -4.71 0.87 12.49
C VAL A 27 -4.76 1.98 13.53
N TYR A 28 -5.78 1.97 14.35
CA TYR A 28 -5.94 2.99 15.39
C TYR A 28 -5.25 2.53 16.66
N ARG A 29 -4.15 3.19 16.98
CA ARG A 29 -3.37 2.86 18.16
C ARG A 29 -3.15 4.11 18.98
N ASN A 30 -3.48 4.04 20.27
CA ASN A 30 -3.40 5.20 21.17
C ASN A 30 -4.36 6.29 20.72
N GLY A 31 -5.40 5.88 20.00
CA GLY A 31 -6.42 6.82 19.55
C GLY A 31 -6.03 7.56 18.29
N VAL A 32 -4.94 7.15 17.65
CA VAL A 32 -4.50 7.80 16.43
C VAL A 32 -4.41 6.80 15.28
N ARG A 33 -4.72 7.26 14.09
CA ARG A 33 -4.67 6.42 12.90
C ARG A 33 -3.23 6.27 12.42
N VAL A 34 -2.63 5.13 12.74
CA VAL A 34 -1.28 4.84 12.29
C VAL A 34 -1.33 4.03 11.00
N CYS A 35 -0.69 4.55 9.97
CA CYS A 35 -0.72 3.90 8.67
C CYS A 35 0.70 3.59 8.19
N HIS A 36 1.04 2.31 8.16
CA HIS A 36 2.35 1.88 7.67
C HIS A 36 2.25 1.55 6.19
N ARG A 37 3.16 2.12 5.42
CA ARG A 37 3.21 1.90 3.98
C ARG A 37 4.20 0.78 3.65
N ARG A 38 4.03 0.17 2.49
CA ARG A 38 4.96 -0.86 2.06
C ARG A 38 6.24 -0.20 1.55
N ALA A 39 7.31 -0.36 2.32
CA ALA A 39 8.60 0.20 1.96
C ALA A 39 9.54 -0.89 1.49
N ASN A 40 9.07 -2.12 1.54
CA ASN A 40 9.85 -3.26 1.09
C ASN A 40 8.91 -4.34 0.55
#